data_3FUR
#
_entry.id   3FUR
#
_cell.length_a   53.995
_cell.length_b   68.074
_cell.length_c   86.956
_cell.angle_alpha   90.00
_cell.angle_beta   90.00
_cell.angle_gamma   90.00
#
_symmetry.space_group_name_H-M   'P 21 21 21'
#
loop_
_entity.id
_entity.type
_entity.pdbx_description
1 polymer 'Peroxisome proliferator-activated receptor gamma'
2 polymer 'Nuclear receptor coactivator 1'
3 non-polymer 2,4-dichloro-N-[3,5-dichloro-4-(quinolin-3-yloxy)phenyl]benzenesulfonamide
4 non-polymer 'CHLORIDE ION'
5 water water
#
loop_
_entity_poly.entity_id
_entity_poly.type
_entity_poly.pdbx_seq_one_letter_code
_entity_poly.pdbx_strand_id
1 'polypeptide(L)'
;PESADLRALAKHLYDSYIKSFPLTKAKARAILTGKTTDKSPFVIYDMNSLMMGEDKIKFKHITPLQEQSKEVAIRIFQGC
QFRSVEAVQEITEYAKSIPGFVNLDLNDQVTLLKYGVHEIIYTMLASLMNKDGVLISEGQGFMTREFLKSLRKPFGDFME
PKFEFAVKFNALELDDSDLAIFIAVIILSGDRPGLLNVKPIEDIQDNLLQALELQLKLNHPESSQLFAKLLQKMTDLRQI
VTEHVQLLQVIKKTETDMSLHPLLQEIYKDLY
;
A
2 'polypeptide(L)' TSHKLVQLLTTT H
#
loop_
_chem_comp.id
_chem_comp.type
_chem_comp.name
_chem_comp.formula
CL non-polymer 'CHLORIDE ION' 'Cl -1'
Z12 non-polymer 2,4-dichloro-N-[3,5-dichloro-4-(quinolin-3-yloxy)phenyl]benzenesulfonamide 'C21 H12 Cl4 N2 O3 S'
#
# COMPACT_ATOMS: atom_id res chain seq x y z
N PRO A 1 20.59 -22.10 11.65
CA PRO A 1 19.35 -22.88 11.93
C PRO A 1 18.11 -21.98 11.98
N GLU A 2 17.97 -21.21 13.04
CA GLU A 2 16.94 -20.16 13.14
C GLU A 2 17.18 -19.01 12.15
N SER A 3 18.44 -18.67 11.89
CA SER A 3 18.77 -17.66 10.89
C SER A 3 18.46 -18.15 9.47
N ALA A 4 18.65 -19.44 9.24
CA ALA A 4 18.27 -20.07 8.01
C ALA A 4 16.78 -20.01 7.80
N ASP A 5 15.99 -20.25 8.85
CA ASP A 5 14.52 -20.17 8.76
C ASP A 5 14.06 -18.73 8.50
N LEU A 6 14.76 -17.74 9.05
CA LEU A 6 14.34 -16.35 8.81
C LEU A 6 14.71 -15.92 7.40
N ARG A 7 15.74 -16.53 6.82
CA ARG A 7 16.03 -16.26 5.40
C ARG A 7 15.02 -17.00 4.51
N ALA A 8 14.69 -18.25 4.85
CA ALA A 8 13.68 -18.95 4.08
C ALA A 8 12.33 -18.16 4.09
N LEU A 9 11.95 -17.64 5.26
CA LEU A 9 10.74 -16.78 5.42
C LEU A 9 10.86 -15.54 4.53
N ALA A 10 11.94 -14.78 4.69
CA ALA A 10 12.27 -13.68 3.77
C ALA A 10 12.05 -14.04 2.28
N LYS A 11 12.68 -15.13 1.85
CA LYS A 11 12.60 -15.55 0.46
C LYS A 11 11.16 -15.95 0.05
N HIS A 12 10.50 -16.80 0.85
CA HIS A 12 9.06 -17.10 0.60
C HIS A 12 8.23 -15.81 0.46
N LEU A 13 8.44 -14.87 1.39
CA LEU A 13 7.69 -13.62 1.28
C LEU A 13 7.99 -12.88 -0.03
N TYR A 14 9.25 -12.86 -0.47
CA TYR A 14 9.58 -12.23 -1.75
C TYR A 14 8.94 -12.93 -2.97
N ASP A 15 9.02 -14.26 -2.99
CA ASP A 15 8.41 -15.07 -4.06
C ASP A 15 6.94 -14.72 -4.18
N SER A 16 6.23 -14.69 -3.04
CA SER A 16 4.78 -14.38 -2.99
C SER A 16 4.42 -12.97 -3.44
N TYR A 17 5.29 -12.03 -3.09
CA TYR A 17 5.17 -10.62 -3.47
C TYR A 17 5.26 -10.51 -5.00
N ILE A 18 6.27 -11.15 -5.60
CA ILE A 18 6.41 -11.26 -7.07
C ILE A 18 5.16 -11.88 -7.73
N LYS A 19 4.57 -12.89 -7.09
CA LYS A 19 3.39 -13.54 -7.65
C LYS A 19 2.13 -12.72 -7.42
N SER A 20 2.13 -11.86 -6.40
CA SER A 20 0.92 -11.15 -5.99
C SER A 20 0.84 -9.80 -6.64
N PHE A 21 1.98 -9.20 -6.92
CA PHE A 21 2.02 -7.78 -7.37
C PHE A 21 2.69 -7.65 -8.72
N PRO A 22 1.89 -7.48 -9.79
CA PRO A 22 2.50 -7.43 -11.17
C PRO A 22 3.44 -6.23 -11.43
N LEU A 23 3.18 -5.09 -10.82
CA LEU A 23 4.10 -3.98 -10.92
C LEU A 23 4.95 -3.76 -9.63
N THR A 24 6.18 -4.26 -9.67
CA THR A 24 7.15 -4.12 -8.59
C THR A 24 7.91 -2.77 -8.61
N LYS A 25 8.65 -2.51 -7.54
CA LYS A 25 9.48 -1.31 -7.48
C LYS A 25 10.66 -1.35 -8.45
N ALA A 26 11.25 -2.54 -8.67
CA ALA A 26 12.36 -2.67 -9.61
C ALA A 26 11.94 -2.15 -10.96
N LYS A 27 10.78 -2.59 -11.43
CA LYS A 27 10.25 -2.21 -12.73
C LYS A 27 9.77 -0.76 -12.76
N ALA A 28 9.24 -0.25 -11.65
CA ALA A 28 8.82 1.14 -11.64
C ALA A 28 10.01 2.07 -11.67
N ARG A 29 11.12 1.72 -11.02
CA ARG A 29 12.25 2.63 -11.03
C ARG A 29 12.95 2.63 -12.40
N ALA A 30 12.89 1.52 -13.11
CA ALA A 30 13.37 1.43 -14.49
C ALA A 30 12.60 2.38 -15.40
N ILE A 31 11.27 2.32 -15.32
CA ILE A 31 10.42 3.25 -16.03
C ILE A 31 10.69 4.70 -15.57
N LEU A 32 10.68 4.97 -14.27
CA LEU A 32 10.80 6.36 -13.80
C LEU A 32 12.14 7.03 -14.16
N THR A 33 13.20 6.23 -14.25
CA THR A 33 14.55 6.70 -14.64
C THR A 33 14.83 6.49 -16.12
N GLY A 34 13.86 5.93 -16.84
CA GLY A 34 14.00 5.71 -18.27
C GLY A 34 15.16 4.80 -18.61
N LYS A 35 15.22 3.63 -17.99
CA LYS A 35 16.21 2.62 -18.31
C LYS A 35 15.52 1.36 -18.74
N THR A 36 14.75 1.46 -19.82
CA THR A 36 13.85 0.38 -20.24
C THR A 36 13.64 0.48 -21.75
N THR A 37 13.50 -0.66 -22.42
CA THR A 37 13.28 -0.63 -23.87
C THR A 37 11.84 -0.19 -24.22
N ASP A 38 10.96 -0.25 -23.23
CA ASP A 38 9.61 0.32 -23.30
C ASP A 38 9.59 1.81 -23.67
N LYS A 39 8.56 2.19 -24.41
CA LYS A 39 8.33 3.60 -24.73
C LYS A 39 8.13 4.37 -23.41
N SER A 40 8.65 5.61 -23.36
CA SER A 40 8.44 6.47 -22.21
C SER A 40 6.96 6.56 -21.88
N PRO A 41 6.63 6.71 -20.57
CA PRO A 41 5.23 6.84 -20.16
C PRO A 41 4.59 8.14 -20.67
N PHE A 42 3.30 8.07 -20.98
CA PHE A 42 2.52 9.26 -21.33
C PHE A 42 2.34 10.16 -20.10
N VAL A 43 2.75 11.42 -20.22
CA VAL A 43 2.69 12.37 -19.11
C VAL A 43 1.35 13.11 -19.10
N ILE A 44 0.73 13.16 -17.92
CA ILE A 44 -0.50 13.92 -17.70
C ILE A 44 -0.23 15.09 -16.77
N TYR A 45 -0.37 16.30 -17.28
CA TYR A 45 -0.04 17.50 -16.50
C TYR A 45 -1.11 18.60 -16.56
N ASP A 46 -2.24 18.29 -17.21
CA ASP A 46 -3.42 19.19 -17.33
C ASP A 46 -4.64 18.49 -17.94
N MET A 47 -5.57 19.28 -18.47
CA MET A 47 -6.72 18.73 -19.19
C MET A 47 -6.33 18.27 -20.57
N ASN A 48 -5.47 19.07 -21.22
CA ASN A 48 -4.99 18.74 -22.54
C ASN A 48 -4.49 17.30 -22.51
N SER A 49 -3.42 17.09 -21.73
CA SER A 49 -2.77 15.78 -21.62
C SER A 49 -3.69 14.72 -21.03
N LEU A 50 -4.43 15.07 -19.98
CA LEU A 50 -5.39 14.15 -19.40
C LEU A 50 -6.36 13.62 -20.45
N MET A 51 -6.82 14.52 -21.33
CA MET A 51 -7.80 14.17 -22.37
C MET A 51 -7.26 13.17 -23.38
N MET A 52 -6.11 13.47 -23.98
CA MET A 52 -5.45 12.52 -24.88
C MET A 52 -5.34 11.16 -24.18
N GLY A 53 -4.68 11.16 -23.02
CA GLY A 53 -4.58 9.94 -22.20
C GLY A 53 -5.96 9.51 -21.71
N LYS A 70 -18.21 13.21 -15.39
CA LYS A 70 -18.21 14.06 -14.21
C LYS A 70 -17.03 15.04 -14.28
N GLU A 71 -16.93 15.93 -13.30
CA GLU A 71 -15.83 16.90 -13.27
C GLU A 71 -14.47 16.21 -13.09
N VAL A 72 -13.39 16.88 -13.49
CA VAL A 72 -12.09 16.24 -13.59
C VAL A 72 -11.60 15.63 -12.26
N ALA A 73 -11.83 16.35 -11.15
CA ALA A 73 -11.43 15.91 -9.83
C ALA A 73 -12.09 14.58 -9.48
N ILE A 74 -13.35 14.45 -9.83
CA ILE A 74 -14.14 13.26 -9.52
C ILE A 74 -13.79 12.08 -10.43
N ARG A 75 -13.51 12.34 -11.71
CA ARG A 75 -13.03 11.29 -12.60
C ARG A 75 -11.67 10.73 -12.15
N ILE A 76 -10.86 11.57 -11.54
CA ILE A 76 -9.61 11.11 -10.97
C ILE A 76 -9.83 10.35 -9.66
N PHE A 77 -10.63 10.92 -8.76
CA PHE A 77 -10.96 10.25 -7.51
C PHE A 77 -11.50 8.84 -7.76
N GLN A 78 -12.38 8.72 -8.74
CA GLN A 78 -12.98 7.45 -9.13
C GLN A 78 -11.97 6.48 -9.77
N GLY A 79 -10.99 7.02 -10.49
CA GLY A 79 -9.88 6.18 -10.97
C GLY A 79 -9.02 5.61 -9.85
N CYS A 80 -8.75 6.42 -8.82
CA CYS A 80 -8.03 5.96 -7.63
C CYS A 80 -8.82 4.83 -6.94
N GLN A 81 -10.13 5.00 -6.81
CA GLN A 81 -11.00 3.97 -6.24
C GLN A 81 -10.95 2.62 -6.99
N PHE A 82 -11.15 2.65 -8.30
CA PHE A 82 -11.06 1.43 -9.11
C PHE A 82 -9.70 0.72 -8.96
N ARG A 83 -8.61 1.48 -9.01
CA ARG A 83 -7.30 0.91 -8.79
C ARG A 83 -7.13 0.36 -7.34
N SER A 84 -7.67 1.06 -6.34
CA SER A 84 -7.69 0.56 -4.94
C SER A 84 -8.40 -0.79 -4.77
N VAL A 85 -9.49 -1.00 -5.51
CA VAL A 85 -10.19 -2.29 -5.50
C VAL A 85 -9.25 -3.43 -5.86
N GLU A 86 -8.62 -3.32 -7.03
CA GLU A 86 -7.60 -4.24 -7.50
C GLU A 86 -6.44 -4.42 -6.50
N ALA A 87 -5.95 -3.31 -5.94
CA ALA A 87 -4.88 -3.37 -4.95
C ALA A 87 -5.31 -4.14 -3.70
N VAL A 88 -6.50 -3.89 -3.16
CA VAL A 88 -6.97 -4.65 -2.00
C VAL A 88 -6.97 -6.16 -2.29
N GLN A 89 -7.36 -6.52 -3.53
CA GLN A 89 -7.40 -7.92 -4.01
C GLN A 89 -6.02 -8.58 -4.07
N GLU A 90 -5.02 -7.81 -4.46
CA GLU A 90 -3.64 -8.30 -4.60
C GLU A 90 -2.98 -8.38 -3.24
N ILE A 91 -3.31 -7.43 -2.36
CA ILE A 91 -2.84 -7.41 -0.99
C ILE A 91 -3.48 -8.55 -0.21
N THR A 92 -4.73 -8.88 -0.50
CA THR A 92 -5.40 -10.04 0.15
C THR A 92 -4.70 -11.37 -0.22
N GLU A 93 -4.46 -11.57 -1.52
CA GLU A 93 -3.73 -12.74 -2.01
C GLU A 93 -2.35 -12.83 -1.35
N TYR A 94 -1.65 -11.71 -1.26
CA TYR A 94 -0.36 -11.62 -0.52
C TYR A 94 -0.46 -11.98 0.97
N ALA A 95 -1.40 -11.36 1.68
CA ALA A 95 -1.65 -11.69 3.09
C ALA A 95 -1.90 -13.21 3.29
N LYS A 96 -2.69 -13.80 2.38
CA LYS A 96 -2.96 -15.23 2.37
C LYS A 96 -1.72 -16.12 2.24
N SER A 97 -0.59 -15.59 1.75
CA SER A 97 0.64 -16.39 1.67
C SER A 97 1.57 -16.18 2.85
N ILE A 98 1.20 -15.32 3.80
CA ILE A 98 2.02 -15.11 5.00
C ILE A 98 1.74 -16.30 5.92
N PRO A 99 2.77 -17.12 6.22
CA PRO A 99 2.52 -18.34 7.01
C PRO A 99 1.76 -18.08 8.33
N GLY A 100 0.71 -18.88 8.59
CA GLY A 100 -0.09 -18.71 9.79
C GLY A 100 -1.36 -17.88 9.59
N PHE A 101 -1.37 -17.02 8.57
CA PHE A 101 -2.47 -16.07 8.34
C PHE A 101 -3.81 -16.73 8.05
N VAL A 102 -3.84 -17.76 7.18
CA VAL A 102 -5.10 -18.41 6.83
C VAL A 102 -5.70 -19.28 7.96
N ASN A 103 -4.88 -19.56 8.97
CA ASN A 103 -5.29 -20.37 10.10
C ASN A 103 -5.78 -19.47 11.20
N LEU A 104 -5.69 -18.15 11.02
CA LEU A 104 -6.20 -17.25 12.06
C LEU A 104 -7.72 -17.25 11.99
N ASP A 105 -8.39 -16.93 13.10
CA ASP A 105 -9.83 -16.70 13.04
C ASP A 105 -10.16 -15.81 11.84
N LEU A 106 -11.15 -16.21 11.06
CA LEU A 106 -11.50 -15.49 9.84
C LEU A 106 -12.03 -14.09 10.12
N ASN A 107 -12.64 -13.89 11.29
CA ASN A 107 -13.06 -12.53 11.65
C ASN A 107 -11.86 -11.63 11.87
N ASP A 108 -10.77 -12.19 12.42
CA ASP A 108 -9.54 -11.43 12.64
C ASP A 108 -8.75 -11.19 11.34
N GLN A 109 -8.80 -12.15 10.40
CA GLN A 109 -8.27 -11.89 9.03
C GLN A 109 -8.94 -10.66 8.42
N VAL A 110 -10.28 -10.64 8.47
CA VAL A 110 -11.05 -9.49 7.98
C VAL A 110 -10.63 -8.15 8.61
N THR A 111 -10.58 -8.10 9.96
CA THR A 111 -10.15 -6.93 10.75
C THR A 111 -8.72 -6.44 10.42
N LEU A 112 -7.76 -7.37 10.34
CA LEU A 112 -6.39 -7.07 9.91
C LEU A 112 -6.34 -6.35 8.53
N LEU A 113 -7.09 -6.87 7.57
CA LEU A 113 -7.19 -6.25 6.27
C LEU A 113 -7.90 -4.91 6.27
N LYS A 114 -9.06 -4.82 6.94
CA LYS A 114 -9.78 -3.55 7.04
C LYS A 114 -8.92 -2.40 7.56
N TYR A 115 -8.21 -2.66 8.66
CA TYR A 115 -7.46 -1.61 9.32
C TYR A 115 -6.05 -1.43 8.74
N GLY A 116 -5.59 -2.37 7.93
CA GLY A 116 -4.22 -2.30 7.42
C GLY A 116 -4.03 -2.11 5.93
N VAL A 117 -5.03 -2.41 5.11
CA VAL A 117 -4.90 -2.30 3.64
C VAL A 117 -4.47 -0.91 3.06
N HIS A 118 -5.03 0.19 3.58
CA HIS A 118 -4.57 1.52 3.21
C HIS A 118 -3.10 1.87 3.52
N GLU A 119 -2.63 1.50 4.69
CA GLU A 119 -1.21 1.60 5.03
C GLU A 119 -0.31 0.90 4.00
N ILE A 120 -0.75 -0.27 3.52
CA ILE A 120 -0.01 -1.02 2.48
C ILE A 120 -0.12 -0.38 1.08
N ILE A 121 -1.30 0.08 0.73
CA ILE A 121 -1.49 0.79 -0.52
C ILE A 121 -0.53 2.01 -0.63
N TYR A 122 -0.38 2.78 0.45
CA TYR A 122 0.47 3.98 0.42
C TYR A 122 2.00 3.72 0.62
N THR A 123 2.33 2.65 1.33
CA THR A 123 3.69 2.11 1.27
C THR A 123 4.09 1.79 -0.17
N MET A 124 3.25 1.04 -0.85
CA MET A 124 3.53 0.57 -2.21
C MET A 124 3.40 1.67 -3.30
N LEU A 125 2.47 2.57 -3.12
CA LEU A 125 2.35 3.71 -4.01
C LEU A 125 3.67 4.50 -4.08
N ALA A 126 4.38 4.63 -2.96
CA ALA A 126 5.68 5.29 -2.90
C ALA A 126 6.71 4.72 -3.90
N SER A 127 6.66 3.41 -4.14
CA SER A 127 7.49 2.76 -5.17
C SER A 127 7.28 3.39 -6.54
N LEU A 128 6.05 3.84 -6.78
CA LEU A 128 5.65 4.43 -8.07
C LEU A 128 5.85 5.97 -8.13
N MET A 129 6.32 6.58 -7.04
CA MET A 129 6.38 8.04 -6.95
C MET A 129 7.78 8.65 -6.92
N ASN A 130 7.93 9.85 -7.48
CA ASN A 130 9.07 10.71 -7.15
C ASN A 130 8.57 12.07 -6.72
N LYS A 131 9.47 13.03 -6.49
CA LYS A 131 9.07 14.37 -6.11
C LYS A 131 8.21 15.10 -7.15
N ASP A 132 8.12 14.56 -8.38
CA ASP A 132 7.45 15.24 -9.47
C ASP A 132 6.13 14.61 -9.89
N GLY A 133 5.83 13.41 -9.41
CA GLY A 133 4.63 12.71 -9.85
C GLY A 133 4.65 11.24 -9.52
N VAL A 134 3.71 10.52 -10.14
CA VAL A 134 3.39 9.12 -9.86
C VAL A 134 3.01 8.39 -11.16
N LEU A 135 3.49 7.15 -11.27
CA LEU A 135 3.07 6.21 -12.34
C LEU A 135 1.66 5.67 -12.15
N ILE A 136 0.92 5.58 -13.26
CA ILE A 136 -0.46 5.11 -13.26
C ILE A 136 -0.61 4.13 -14.45
N SER A 137 -1.72 3.42 -14.51
CA SER A 137 -1.97 2.42 -15.58
C SER A 137 -0.83 1.43 -15.75
N GLU A 138 -0.42 0.81 -14.65
CA GLU A 138 0.69 -0.13 -14.67
C GLU A 138 1.91 0.43 -15.34
N GLY A 139 2.24 1.69 -15.04
CA GLY A 139 3.46 2.30 -15.55
C GLY A 139 3.38 2.84 -16.97
N GLN A 140 2.20 2.86 -17.54
CA GLN A 140 2.00 3.42 -18.87
C GLN A 140 1.78 4.92 -18.85
N GLY A 141 1.45 5.46 -17.68
CA GLY A 141 1.21 6.89 -17.51
C GLY A 141 1.98 7.48 -16.35
N PHE A 142 2.11 8.79 -16.35
CA PHE A 142 2.76 9.50 -15.28
C PHE A 142 1.90 10.73 -15.03
N MET A 143 1.40 10.86 -13.81
CA MET A 143 0.59 12.00 -13.48
C MET A 143 1.37 12.90 -12.56
N THR A 144 1.52 14.16 -12.95
CA THR A 144 2.42 15.05 -12.26
C THR A 144 1.79 15.49 -10.94
N ARG A 145 2.65 15.75 -9.95
CA ARG A 145 2.24 16.18 -8.62
C ARG A 145 1.56 17.56 -8.59
N GLU A 146 2.02 18.47 -9.45
CA GLU A 146 1.45 19.82 -9.55
C GLU A 146 0.02 19.74 -10.09
N PHE A 147 -0.19 18.84 -11.04
CA PHE A 147 -1.54 18.56 -11.56
C PHE A 147 -2.51 18.09 -10.48
N LEU A 148 -2.11 17.11 -9.68
CA LEU A 148 -2.96 16.62 -8.60
C LEU A 148 -3.15 17.70 -7.56
N LYS A 149 -2.12 18.51 -7.33
CA LYS A 149 -2.22 19.60 -6.37
C LYS A 149 -3.22 20.68 -6.84
N SER A 150 -3.40 20.80 -8.15
CA SER A 150 -4.29 21.80 -8.74
C SER A 150 -5.79 21.46 -8.63
N LEU A 151 -6.12 20.22 -8.26
CA LEU A 151 -7.53 19.80 -8.10
C LEU A 151 -8.20 20.53 -6.93
N ARG A 152 -9.48 20.79 -7.08
CA ARG A 152 -10.19 21.59 -6.10
C ARG A 152 -10.37 20.82 -4.81
N LYS A 153 -10.48 21.55 -3.71
CA LYS A 153 -10.80 20.98 -2.42
C LYS A 153 -12.08 20.12 -2.51
N PRO A 154 -12.08 18.95 -1.87
CA PRO A 154 -11.00 18.35 -1.07
C PRO A 154 -10.03 17.47 -1.86
N PHE A 155 -10.32 17.23 -3.13
CA PHE A 155 -9.53 16.31 -3.94
C PHE A 155 -8.04 16.65 -4.11
N GLY A 156 -7.69 17.95 -4.12
CA GLY A 156 -6.30 18.37 -4.32
C GLY A 156 -5.46 18.32 -3.07
N ASP A 157 -6.10 17.95 -1.97
CA ASP A 157 -5.46 17.76 -0.68
C ASP A 157 -5.12 16.28 -0.34
N PHE A 158 -5.54 15.31 -1.17
CA PHE A 158 -5.27 13.85 -0.88
C PHE A 158 -3.80 13.45 -1.01
N MET A 159 -3.18 13.82 -2.14
CA MET A 159 -1.91 13.22 -2.47
C MET A 159 -0.71 13.98 -1.96
N GLU A 160 -0.89 15.27 -1.70
CA GLU A 160 0.25 16.07 -1.24
C GLU A 160 0.94 15.48 0.01
N PRO A 161 0.17 15.09 1.07
CA PRO A 161 0.77 14.38 2.22
C PRO A 161 1.51 13.07 1.85
N LYS A 162 1.03 12.40 0.81
CA LYS A 162 1.66 11.17 0.40
C LYS A 162 3.00 11.38 -0.33
N PHE A 163 3.13 12.50 -1.04
CA PHE A 163 4.41 12.87 -1.71
C PHE A 163 5.43 13.26 -0.65
N GLU A 164 4.96 13.95 0.38
CA GLU A 164 5.80 14.28 1.51
C GLU A 164 6.30 13.02 2.16
N PHE A 165 5.39 12.09 2.46
CA PHE A 165 5.80 10.75 2.93
C PHE A 165 6.79 10.04 1.99
N ALA A 166 6.44 9.94 0.71
CA ALA A 166 7.18 9.11 -0.25
C ALA A 166 8.63 9.54 -0.48
N VAL A 167 8.83 10.86 -0.60
CA VAL A 167 10.16 11.42 -0.88
C VAL A 167 11.12 11.03 0.25
N LYS A 168 10.69 11.18 1.50
CA LYS A 168 11.50 10.80 2.61
C LYS A 168 11.67 9.27 2.73
N PHE A 169 10.58 8.54 2.47
CA PHE A 169 10.58 7.07 2.57
C PHE A 169 11.47 6.47 1.49
N ASN A 170 11.37 7.02 0.27
CA ASN A 170 12.18 6.56 -0.86
C ASN A 170 13.70 6.78 -0.74
N ALA A 171 14.10 7.73 0.09
CA ALA A 171 15.53 7.96 0.33
C ALA A 171 16.11 6.96 1.34
N LEU A 172 15.29 6.05 1.84
CA LEU A 172 15.81 4.90 2.59
C LEU A 172 16.28 3.79 1.64
N GLU A 173 15.84 3.86 0.38
CA GLU A 173 16.32 2.95 -0.68
C GLU A 173 16.03 1.45 -0.48
N LEU A 174 14.80 1.13 -0.05
CA LEU A 174 14.37 -0.24 0.08
C LEU A 174 14.11 -0.87 -1.29
N ASP A 175 14.36 -2.16 -1.39
CA ASP A 175 14.05 -2.91 -2.62
C ASP A 175 12.84 -3.79 -2.36
N ASP A 176 12.39 -4.50 -3.39
CA ASP A 176 11.19 -5.36 -3.28
C ASP A 176 11.32 -6.42 -2.19
N SER A 177 12.52 -6.96 -2.01
CA SER A 177 12.77 -7.96 -1.01
C SER A 177 12.58 -7.39 0.41
N ASP A 178 12.99 -6.14 0.61
CA ASP A 178 12.78 -5.40 1.90
C ASP A 178 11.30 -5.10 2.20
N LEU A 179 10.62 -4.55 1.20
CA LEU A 179 9.19 -4.20 1.23
C LEU A 179 8.25 -5.38 1.57
N ALA A 180 8.53 -6.54 1.00
CA ALA A 180 7.74 -7.74 1.21
C ALA A 180 7.54 -8.04 2.71
N ILE A 181 8.63 -7.95 3.46
CA ILE A 181 8.63 -8.15 4.92
C ILE A 181 8.07 -6.97 5.72
N PHE A 182 8.40 -5.75 5.30
CA PHE A 182 7.86 -4.53 5.92
C PHE A 182 6.33 -4.54 5.91
N ILE A 183 5.76 -4.93 4.77
CA ILE A 183 4.31 -4.99 4.49
C ILE A 183 3.64 -6.05 5.36
N ALA A 184 4.26 -7.24 5.43
CA ALA A 184 3.79 -8.36 6.22
C ALA A 184 3.66 -7.98 7.72
N VAL A 185 4.70 -7.35 8.27
CA VAL A 185 4.72 -6.84 9.65
C VAL A 185 3.55 -5.88 9.93
N ILE A 186 3.30 -4.92 9.01
CA ILE A 186 2.16 -4.00 9.18
C ILE A 186 0.81 -4.70 9.22
N ILE A 187 0.64 -5.71 8.38
CA ILE A 187 -0.64 -6.41 8.26
C ILE A 187 -0.97 -7.19 9.55
N LEU A 188 0.05 -7.83 10.12
CA LEU A 188 -0.09 -8.56 11.37
C LEU A 188 0.13 -7.63 12.56
N SER A 189 -0.63 -6.52 12.62
CA SER A 189 -0.67 -5.65 13.82
C SER A 189 -1.69 -6.16 14.88
N GLY A 190 -1.21 -6.39 16.11
CA GLY A 190 -2.03 -6.95 17.20
C GLY A 190 -2.92 -5.90 17.84
N ASP A 191 -2.73 -4.64 17.47
CA ASP A 191 -3.40 -3.53 18.11
C ASP A 191 -4.56 -2.91 17.34
N ARG A 192 -4.97 -3.52 16.23
CA ARG A 192 -6.18 -3.11 15.53
C ARG A 192 -7.40 -3.28 16.43
N PRO A 193 -8.38 -2.38 16.32
CA PRO A 193 -9.58 -2.51 17.18
C PRO A 193 -10.44 -3.74 16.87
N GLY A 194 -10.95 -4.38 17.92
CA GLY A 194 -11.92 -5.48 17.77
C GLY A 194 -11.34 -6.86 17.50
N LEU A 195 -10.00 -7.00 17.54
CA LEU A 195 -9.41 -8.32 17.35
C LEU A 195 -9.79 -9.24 18.51
N LEU A 196 -10.16 -10.47 18.17
CA LEU A 196 -10.56 -11.47 19.16
C LEU A 196 -9.36 -12.12 19.80
N ASN A 197 -8.43 -12.62 18.96
CA ASN A 197 -7.28 -13.35 19.46
C ASN A 197 -5.97 -12.62 19.12
N VAL A 198 -5.59 -11.69 19.99
CA VAL A 198 -4.40 -10.85 19.83
C VAL A 198 -3.06 -11.65 19.81
N LYS A 199 -2.92 -12.59 20.72
CA LYS A 199 -1.69 -13.38 20.86
C LYS A 199 -1.11 -14.08 19.64
N PRO A 200 -1.92 -14.89 18.94
CA PRO A 200 -1.34 -15.55 17.77
C PRO A 200 -0.90 -14.58 16.66
N ILE A 201 -1.50 -13.39 16.61
CA ILE A 201 -1.10 -12.36 15.71
C ILE A 201 0.28 -11.74 16.09
N GLU A 202 0.44 -11.41 17.37
CA GLU A 202 1.70 -10.88 17.90
C GLU A 202 2.83 -11.90 17.74
N ASP A 203 2.51 -13.18 17.86
CA ASP A 203 3.50 -14.21 17.66
C ASP A 203 3.98 -14.27 16.20
N ILE A 204 3.07 -14.06 15.25
CA ILE A 204 3.51 -14.04 13.85
C ILE A 204 4.28 -12.74 13.60
N GLN A 205 3.79 -11.61 14.13
CA GLN A 205 4.47 -10.34 13.93
C GLN A 205 5.88 -10.35 14.46
N ASP A 206 6.06 -10.89 15.67
CA ASP A 206 7.39 -11.00 16.29
C ASP A 206 8.40 -11.77 15.42
N ASN A 207 8.02 -12.95 14.93
CA ASN A 207 8.84 -13.66 13.95
C ASN A 207 9.06 -12.82 12.65
N LEU A 208 8.05 -12.12 12.18
CA LEU A 208 8.27 -11.25 11.00
C LEU A 208 9.25 -10.09 11.25
N LEU A 209 9.14 -9.43 12.40
CA LEU A 209 10.08 -8.37 12.81
C LEU A 209 11.55 -8.85 12.94
N GLN A 210 11.74 -10.05 13.46
CA GLN A 210 13.09 -10.68 13.44
C GLN A 210 13.60 -10.90 12.02
N ALA A 211 12.70 -11.27 11.11
CA ALA A 211 13.07 -11.50 9.74
C ALA A 211 13.45 -10.19 9.08
N LEU A 212 12.73 -9.11 9.42
CA LEU A 212 12.99 -7.78 8.88
C LEU A 212 14.33 -7.25 9.37
N GLU A 213 14.56 -7.40 10.67
CA GLU A 213 15.85 -7.02 11.28
C GLU A 213 17.08 -7.64 10.56
N LEU A 214 17.03 -8.95 10.33
CA LEU A 214 18.10 -9.67 9.63
C LEU A 214 18.22 -9.27 8.12
N GLN A 215 17.08 -9.12 7.46
CA GLN A 215 17.03 -8.69 6.07
C GLN A 215 17.74 -7.35 5.87
N LEU A 216 17.49 -6.40 6.79
CA LEU A 216 18.05 -5.02 6.71
C LEU A 216 19.54 -4.97 7.04
N LYS A 217 19.95 -5.77 8.00
CA LYS A 217 21.38 -5.89 8.32
C LYS A 217 22.18 -6.51 7.17
N LEU A 218 21.61 -7.53 6.54
CA LEU A 218 22.22 -8.21 5.39
C LEU A 218 22.15 -7.42 4.06
N ASN A 219 21.01 -6.80 3.80
CA ASN A 219 20.77 -6.17 2.48
C ASN A 219 21.23 -4.72 2.52
N HIS A 220 21.19 -4.10 3.71
CA HIS A 220 21.61 -2.71 3.92
C HIS A 220 22.56 -2.54 5.13
N PRO A 221 23.73 -3.21 5.08
CA PRO A 221 24.66 -3.27 6.22
C PRO A 221 25.12 -1.89 6.72
N GLU A 222 25.22 -0.92 5.82
CA GLU A 222 25.75 0.39 6.18
C GLU A 222 24.72 1.51 6.33
N SER A 223 23.45 1.14 6.40
CA SER A 223 22.43 2.13 6.54
C SER A 223 22.10 2.36 8.01
N SER A 224 22.43 3.56 8.49
CA SER A 224 22.35 3.90 9.91
C SER A 224 20.92 3.78 10.48
N GLN A 225 20.77 2.91 11.49
CA GLN A 225 19.52 2.73 12.23
C GLN A 225 18.31 2.47 11.31
N LEU A 226 18.51 1.69 10.25
CA LEU A 226 17.42 1.49 9.29
C LEU A 226 16.19 0.86 9.91
N PHE A 227 16.40 -0.15 10.74
CA PHE A 227 15.30 -0.81 11.41
C PHE A 227 14.44 0.17 12.22
N ALA A 228 15.06 0.96 13.11
CA ALA A 228 14.29 1.96 13.92
C ALA A 228 13.64 3.03 13.08
N LYS A 229 14.37 3.47 12.04
CA LYS A 229 13.80 4.35 11.05
C LYS A 229 12.53 3.76 10.42
N LEU A 230 12.58 2.50 9.99
CA LEU A 230 11.39 1.87 9.41
C LEU A 230 10.21 1.74 10.39
N LEU A 231 10.51 1.45 11.64
CA LEU A 231 9.47 1.32 12.66
C LEU A 231 8.77 2.67 12.91
N GLN A 232 9.54 3.76 12.85
CA GLN A 232 8.92 5.08 12.89
C GLN A 232 8.02 5.32 11.65
N LYS A 233 8.46 4.86 10.47
CA LYS A 233 7.64 4.98 9.26
C LYS A 233 6.28 4.32 9.41
N MET A 234 6.20 3.20 10.14
CA MET A 234 4.93 2.52 10.37
C MET A 234 4.00 3.41 11.17
N THR A 235 4.56 4.11 12.14
CA THR A 235 3.81 5.09 12.91
C THR A 235 3.40 6.26 12.02
N ASP A 236 4.29 6.75 11.17
CA ASP A 236 3.93 7.84 10.22
C ASP A 236 2.82 7.38 9.27
N LEU A 237 2.83 6.12 8.89
CA LEU A 237 1.76 5.60 8.02
C LEU A 237 0.38 5.66 8.67
N ARG A 238 0.27 5.45 9.98
CA ARG A 238 -1.05 5.55 10.63
C ARG A 238 -1.65 6.97 10.56
N GLN A 239 -0.80 7.99 10.71
CA GLN A 239 -1.21 9.40 10.62
C GLN A 239 -1.65 9.72 9.21
N ILE A 240 -0.86 9.32 8.24
CA ILE A 240 -1.24 9.50 6.86
C ILE A 240 -2.63 8.93 6.60
N VAL A 241 -2.91 7.75 7.15
CA VAL A 241 -4.22 7.13 6.94
C VAL A 241 -5.35 7.78 7.77
N THR A 242 -5.06 8.18 9.00
CA THR A 242 -5.99 8.96 9.81
C THR A 242 -6.48 10.19 9.04
N GLU A 243 -5.54 10.96 8.49
CA GLU A 243 -5.91 12.14 7.71
C GLU A 243 -6.67 11.77 6.43
N HIS A 244 -6.23 10.70 5.78
CA HIS A 244 -6.85 10.24 4.54
C HIS A 244 -8.32 9.89 4.79
N VAL A 245 -8.60 9.22 5.91
CA VAL A 245 -9.96 8.80 6.22
C VAL A 245 -10.84 10.00 6.67
N GLN A 246 -10.23 11.03 7.26
CA GLN A 246 -10.89 12.34 7.52
C GLN A 246 -11.42 12.98 6.24
N LEU A 247 -10.61 12.99 5.19
CA LEU A 247 -11.02 13.53 3.88
C LEU A 247 -12.16 12.71 3.24
N LEU A 248 -12.09 11.38 3.31
CA LEU A 248 -13.16 10.51 2.87
C LEU A 248 -14.47 10.80 3.62
N GLN A 249 -14.39 11.03 4.92
CA GLN A 249 -15.55 11.41 5.74
C GLN A 249 -16.16 12.69 5.23
N VAL A 250 -15.32 13.70 5.06
CA VAL A 250 -15.76 14.99 4.51
C VAL A 250 -16.44 14.79 3.16
N ILE A 251 -15.88 13.94 2.32
CA ILE A 251 -16.43 13.69 0.99
C ILE A 251 -17.80 13.04 1.10
N LYS A 252 -17.91 12.09 2.01
CA LYS A 252 -19.15 11.38 2.28
C LYS A 252 -20.24 12.33 2.81
N LYS A 253 -19.86 13.21 3.76
CA LYS A 253 -20.79 14.17 4.35
C LYS A 253 -21.25 15.25 3.38
N THR A 254 -20.41 15.64 2.44
CA THR A 254 -20.60 16.89 1.71
C THR A 254 -20.52 16.81 0.19
N GLU A 255 -20.15 15.66 -0.36
CA GLU A 255 -20.17 15.49 -1.81
C GLU A 255 -21.35 14.60 -2.25
N THR A 256 -21.68 14.69 -3.55
CA THR A 256 -22.60 13.74 -4.19
C THR A 256 -22.12 12.31 -4.00
N ASP A 257 -23.00 11.35 -4.30
CA ASP A 257 -22.68 9.93 -4.15
C ASP A 257 -21.63 9.50 -5.19
N MET A 258 -20.56 8.86 -4.72
CA MET A 258 -19.52 8.37 -5.62
C MET A 258 -19.80 6.94 -6.10
N SER A 259 -20.94 6.39 -5.68
CA SER A 259 -21.31 4.99 -5.97
C SER A 259 -20.20 4.00 -5.67
N LEU A 260 -19.75 3.96 -4.42
CA LEU A 260 -18.55 3.18 -4.06
C LEU A 260 -18.59 1.72 -4.46
N HIS A 261 -17.43 1.17 -4.79
CA HIS A 261 -17.37 -0.26 -4.92
C HIS A 261 -17.75 -0.85 -3.57
N PRO A 262 -18.60 -1.87 -3.59
CA PRO A 262 -19.03 -2.51 -2.32
C PRO A 262 -17.87 -3.01 -1.43
N LEU A 263 -16.77 -3.45 -2.03
CA LEU A 263 -15.58 -3.85 -1.28
C LEU A 263 -14.98 -2.71 -0.46
N LEU A 264 -14.81 -1.55 -1.09
CA LEU A 264 -14.37 -0.34 -0.41
C LEU A 264 -15.38 0.19 0.64
N GLN A 265 -16.67 0.02 0.38
CA GLN A 265 -17.69 0.39 1.40
C GLN A 265 -17.43 -0.31 2.73
N GLU A 266 -17.27 -1.64 2.69
CA GLU A 266 -17.04 -2.48 3.89
C GLU A 266 -15.82 -2.07 4.69
N ILE A 267 -14.75 -1.77 3.98
CA ILE A 267 -13.53 -1.29 4.60
C ILE A 267 -13.73 0.09 5.23
N TYR A 268 -14.46 0.99 4.56
CA TYR A 268 -14.63 2.38 5.01
C TYR A 268 -15.61 2.48 6.17
N LYS A 269 -16.53 1.53 6.21
CA LYS A 269 -17.59 1.47 7.22
C LYS A 269 -17.04 1.63 8.64
N ASP A 270 -15.99 0.90 8.96
CA ASP A 270 -15.57 0.79 10.35
C ASP A 270 -14.53 1.80 10.82
N LEU A 271 -13.74 2.35 9.89
CA LEU A 271 -12.70 3.32 10.27
C LEU A 271 -13.15 4.78 10.22
N TYR A 272 -14.33 5.00 9.61
CA TYR A 272 -14.91 6.35 9.39
C TYR A 272 -14.92 7.29 10.60
N THR B 1 -21.14 -8.23 8.48
CA THR B 1 -21.18 -8.92 7.15
C THR B 1 -19.79 -9.12 6.56
N SER B 2 -19.18 -8.02 6.13
CA SER B 2 -17.90 -8.10 5.41
C SER B 2 -17.88 -9.29 4.44
N HIS B 3 -18.97 -9.45 3.70
CA HIS B 3 -19.12 -10.54 2.75
C HIS B 3 -18.06 -10.59 1.67
N LYS B 4 -17.62 -9.42 1.21
CA LYS B 4 -16.71 -9.39 0.07
C LYS B 4 -15.26 -9.66 0.50
N LEU B 5 -14.88 -9.15 1.66
CA LEU B 5 -13.59 -9.49 2.25
C LEU B 5 -13.48 -11.01 2.50
N VAL B 6 -14.51 -11.61 3.10
CA VAL B 6 -14.48 -13.05 3.35
C VAL B 6 -14.46 -13.87 2.06
N GLN B 7 -15.15 -13.40 1.03
CA GLN B 7 -15.16 -14.07 -0.27
C GLN B 7 -13.74 -14.10 -0.88
N LEU B 8 -13.01 -12.99 -0.77
CA LEU B 8 -11.63 -12.94 -1.28
C LEU B 8 -10.74 -13.88 -0.46
N LEU B 9 -10.95 -13.86 0.85
CA LEU B 9 -10.14 -14.59 1.81
C LEU B 9 -10.24 -16.12 1.67
N THR B 10 -11.36 -16.61 1.14
CA THR B 10 -11.58 -18.04 1.02
C THR B 10 -11.62 -18.58 -0.43
N THR B 11 -11.44 -17.71 -1.43
CA THR B 11 -11.27 -18.23 -2.78
C THR B 11 -9.87 -18.80 -2.97
N THR B 12 -9.80 -19.85 -3.77
CA THR B 12 -8.54 -20.58 -3.93
C THR B 12 -8.11 -20.66 -5.38
CL32 Z12 C . -7.90 8.80 -3.05
C31 Z12 C . -7.08 10.04 -4.04
C30 Z12 C . -7.95 10.85 -4.79
C28 Z12 C . -7.45 11.87 -5.60
CL29 Z12 C . -8.63 12.86 -6.52
C27 Z12 C . -6.07 12.07 -5.67
C26 Z12 C . -5.20 11.25 -4.93
C25 Z12 C . -5.69 10.22 -4.10
S20 Z12 C . -4.63 9.33 -3.21
O21 Z12 C . -5.02 9.40 -1.83
O22 Z12 C . -3.31 9.86 -3.39
N23 Z12 C . -4.65 7.78 -3.61
C13 Z12 C . -4.24 7.21 -4.76
C14 Z12 C . -4.57 5.88 -4.96
C15 Z12 C . -4.18 5.23 -6.10
CL16 Z12 C . -4.62 3.51 -6.28
C17 Z12 C . -3.46 5.90 -7.08
C18 Z12 C . -3.14 7.23 -6.90
CL19 Z12 C . -2.22 8.04 -8.18
C12 Z12 C . -3.52 7.90 -5.73
O11 Z12 C . -3.06 5.29 -8.24
C8 Z12 C . -3.74 5.39 -9.44
C7 Z12 C . -4.67 6.39 -9.72
C6 Z12 C . -5.29 6.41 -10.98
C1 Z12 C . -6.21 7.40 -11.32
C9 Z12 C . -3.47 4.43 -10.43
N10 Z12 C . -4.08 4.46 -11.62
C5 Z12 C . -4.98 5.42 -11.92
C4 Z12 C . -5.58 5.41 -13.18
C3 Z12 C . -6.50 6.40 -13.49
C2 Z12 C . -6.81 7.39 -12.57
CL CL D . -10.32 20.49 -10.26
#